data_6D4R
#
_entry.id   6D4R
#
_cell.length_a   88.710
_cell.length_b   88.710
_cell.length_c   84.660
_cell.angle_alpha   90.00
_cell.angle_beta   90.00
_cell.angle_gamma   90.00
#
_symmetry.space_group_name_H-M   'I 4'
#
loop_
_entity.id
_entity.type
_entity.pdbx_description
1 polymer "Inosine-5'-monophosphate dehydrogenase,Inosine-5'-monophosphate dehydrogenase"
2 non-polymer 'INOSINIC ACID'
3 non-polymer hydroxy(3-{4-[(isoquinolin-5-yl)sulfonyl]piperazine-1-carbonyl}phenyl)oxoammonium
4 water water
#
_entity_poly.entity_id   1
_entity_poly.type   'polypeptide(L)'
_entity_poly.pdbx_seq_one_letter_code
;GSSIAERSVPIAVPVPTGGDDPTKIAMLGLTFDDVLLLPAASDVLPANADTSSQLTKKIRLKVPLVSSAMDTVTEARMAI
AMARAGGMGVLHRNLPVAEQAAQVETVKRSGGLLVGAAVGVGDDAWERAMALRDAGVDVLVVDTAHAHNRKVLDMVHRLK
TTVGDEIEVVGGNVATRAAAAALVEAGADAVKVGVGPGSICTTRVVAGVGAPQITAILEAVAACAPHGVPVIADGGLQYS
GDIAKALAAGASTAMLGSLLAGTAESPGELILVNGKQFKSYRGMGSLGAMQGRGGAKSYSKDRYFQDDALSEDKLVPEGI
EGRVPFRGPLSTVIHQLVGGLRAAMGYTGSATIEELQQAQFVQITAAGLKESHPHDITMTVEAPNYYAR
;
_entity_poly.pdbx_strand_id   A
#
# COMPACT_ATOMS: atom_id res chain seq x y z
N VAL A 15 -10.89 30.78 -18.11
CA VAL A 15 -10.07 29.61 -17.82
C VAL A 15 -9.78 28.88 -19.14
N PRO A 16 -8.49 28.62 -19.43
CA PRO A 16 -8.07 28.03 -20.70
C PRO A 16 -8.79 26.73 -21.06
N THR A 17 -9.20 25.95 -20.07
CA THR A 17 -9.84 24.67 -20.33
C THR A 17 -11.36 24.70 -20.24
N GLY A 18 -11.92 25.88 -20.01
CA GLY A 18 -13.35 26.06 -20.05
C GLY A 18 -14.01 26.52 -18.78
N GLY A 19 -15.10 27.28 -18.95
CA GLY A 19 -15.82 27.86 -17.84
C GLY A 19 -15.06 29.03 -17.26
N ASP A 20 -15.56 29.55 -16.14
CA ASP A 20 -14.96 30.73 -15.52
C ASP A 20 -14.37 30.46 -14.14
N ASP A 21 -14.38 29.20 -13.72
CA ASP A 21 -13.95 28.80 -12.39
C ASP A 21 -12.58 28.09 -12.44
N PRO A 22 -11.52 28.76 -11.95
CA PRO A 22 -10.17 28.20 -11.99
C PRO A 22 -10.01 26.99 -11.08
N THR A 23 -10.94 26.78 -10.16
CA THR A 23 -10.83 25.68 -9.21
C THR A 23 -11.52 24.42 -9.71
N LYS A 24 -12.25 24.51 -10.82
CA LYS A 24 -13.01 23.35 -11.30
C LYS A 24 -12.08 22.21 -11.66
N ILE A 25 -11.01 22.54 -12.36
CA ILE A 25 -9.97 21.56 -12.60
C ILE A 25 -8.83 21.98 -11.67
N ALA A 26 -8.78 21.32 -10.52
CA ALA A 26 -8.05 21.81 -9.34
C ALA A 26 -6.55 21.58 -9.37
N MET A 27 -6.10 20.62 -10.18
CA MET A 27 -4.67 20.28 -10.27
C MET A 27 -4.36 19.46 -11.51
N LEU A 28 -3.07 19.33 -11.82
CA LEU A 28 -2.61 18.40 -12.84
C LEU A 28 -1.99 17.21 -12.12
N GLY A 29 -2.64 16.06 -12.24
CA GLY A 29 -2.21 14.87 -11.52
C GLY A 29 -1.17 14.07 -12.25
N LEU A 30 -0.05 13.83 -11.58
CA LEU A 30 1.03 13.01 -12.12
C LEU A 30 1.01 11.59 -11.55
N THR A 31 1.31 10.62 -12.41
CA THR A 31 1.46 9.24 -11.98
C THR A 31 2.95 8.90 -11.99
N PHE A 32 3.29 7.69 -11.58
CA PHE A 32 4.69 7.28 -11.53
C PHE A 32 5.41 7.47 -12.86
N ASP A 33 4.75 7.11 -13.95
CA ASP A 33 5.36 7.17 -15.27
C ASP A 33 5.65 8.60 -15.73
N ASP A 34 5.05 9.59 -15.08
CA ASP A 34 5.27 10.99 -15.44
C ASP A 34 6.56 11.59 -14.88
N VAL A 35 7.25 10.89 -13.99
CA VAL A 35 8.42 11.48 -13.36
C VAL A 35 9.58 10.51 -13.32
N LEU A 36 10.78 11.07 -13.20
CA LEU A 36 11.99 10.31 -12.87
C LEU A 36 12.69 11.00 -11.72
N LEU A 37 13.37 10.23 -10.91
CA LEU A 37 14.24 10.78 -9.87
C LEU A 37 15.53 11.32 -10.45
N LEU A 38 15.88 12.54 -10.05
CA LEU A 38 17.16 13.12 -10.46
C LEU A 38 18.31 12.59 -9.61
N PRO A 39 19.41 12.18 -10.26
CA PRO A 39 20.62 11.89 -9.49
C PRO A 39 21.09 13.13 -8.74
N ALA A 40 21.76 12.93 -7.62
CA ALA A 40 22.29 14.03 -6.84
C ALA A 40 23.64 13.60 -6.29
N ALA A 41 24.38 14.53 -5.71
CA ALA A 41 25.67 14.20 -5.12
C ALA A 41 25.53 13.04 -4.14
N SER A 42 26.39 12.04 -4.26
CA SER A 42 26.23 10.83 -3.45
C SER A 42 27.53 10.27 -2.91
N ASP A 43 27.48 9.91 -1.63
CA ASP A 43 28.53 9.14 -0.97
C ASP A 43 27.95 7.78 -0.56
N VAL A 44 26.79 7.44 -1.11
CA VAL A 44 26.05 6.26 -0.68
C VAL A 44 26.18 5.11 -1.65
N LEU A 45 26.71 4.00 -1.21
CA LEU A 45 26.71 2.81 -2.00
C LEU A 45 25.41 2.04 -1.80
N PRO A 46 24.84 1.53 -2.87
CA PRO A 46 23.56 0.84 -2.74
C PRO A 46 23.55 -0.23 -1.64
N ALA A 47 24.64 -0.99 -1.53
CA ALA A 47 24.69 -2.07 -0.54
C ALA A 47 24.65 -1.56 0.89
N ASN A 48 24.99 -0.30 1.10
CA ASN A 48 25.10 0.27 2.44
C ASN A 48 23.97 1.21 2.84
N ALA A 49 23.07 1.49 1.91
CA ALA A 49 21.89 2.27 2.24
C ALA A 49 21.10 1.56 3.33
N ASP A 50 20.41 2.37 4.14
CA ASP A 50 19.56 1.86 5.20
C ASP A 50 18.13 1.95 4.65
N THR A 51 17.52 0.80 4.36
CA THR A 51 16.17 0.79 3.77
C THR A 51 15.03 0.80 4.79
N SER A 52 15.35 0.90 6.08
CA SER A 52 14.31 0.87 7.10
C SER A 52 13.39 2.08 7.02
N SER A 53 12.14 1.91 7.41
CA SER A 53 11.20 3.02 7.34
C SER A 53 10.01 2.79 8.25
N GLN A 54 9.36 3.87 8.67
CA GLN A 54 8.14 3.77 9.47
C GLN A 54 6.95 3.26 8.66
N LEU A 55 6.40 2.13 9.07
CA LEU A 55 5.08 1.71 8.61
C LEU A 55 4.00 2.55 9.29
N THR A 56 4.15 2.72 10.60
CA THR A 56 3.24 3.52 11.40
C THR A 56 4.06 4.38 12.32
N LYS A 57 3.42 5.24 13.11
CA LYS A 57 4.17 6.06 14.06
C LYS A 57 5.15 5.25 14.91
N LYS A 58 4.72 4.08 15.40
CA LYS A 58 5.58 3.28 16.28
C LYS A 58 6.36 2.17 15.59
N ILE A 59 5.84 1.63 14.49
CA ILE A 59 6.44 0.45 13.89
C ILE A 59 7.35 0.78 12.71
N ARG A 60 8.61 0.39 12.83
CA ARG A 60 9.59 0.57 11.77
C ARG A 60 9.92 -0.78 11.16
N LEU A 61 9.84 -0.87 9.83
CA LEU A 61 10.17 -2.08 9.10
C LEU A 61 11.59 -2.02 8.57
N LYS A 62 12.22 -3.17 8.41
CA LYS A 62 13.56 -3.23 7.81
C LYS A 62 13.52 -2.92 6.30
N VAL A 63 12.43 -3.33 5.66
CA VAL A 63 12.22 -2.98 4.26
CA VAL A 63 12.19 -3.11 4.24
C VAL A 63 10.84 -2.40 4.13
N PRO A 64 10.74 -1.32 3.33
CA PRO A 64 9.53 -0.48 3.40
C PRO A 64 8.39 -0.95 2.50
N LEU A 65 8.03 -2.22 2.65
CA LEU A 65 7.09 -2.86 1.75
C LEU A 65 6.09 -3.69 2.51
N VAL A 66 4.81 -3.54 2.18
N VAL A 66 4.84 -3.57 2.10
CA VAL A 66 3.77 -4.38 2.74
CA VAL A 66 3.73 -4.29 2.69
C VAL A 66 2.91 -4.95 1.63
C VAL A 66 2.97 -4.99 1.57
N SER A 67 2.42 -6.17 1.84
CA SER A 67 1.60 -6.84 0.83
C SER A 67 0.11 -6.51 0.99
N SER A 68 -0.56 -6.37 -0.15
CA SER A 68 -1.96 -5.95 -0.20
C SER A 68 -2.89 -6.91 0.53
N ALA A 69 -3.93 -6.33 1.14
CA ALA A 69 -4.95 -7.10 1.82
C ALA A 69 -5.94 -7.65 0.79
N MET A 70 -5.50 -8.64 0.03
CA MET A 70 -6.29 -9.20 -1.07
C MET A 70 -6.23 -10.71 -1.02
N ASP A 71 -7.31 -11.35 -1.45
CA ASP A 71 -7.38 -12.81 -1.36
C ASP A 71 -6.58 -13.57 -2.42
N THR A 72 -5.94 -12.84 -3.33
CA THR A 72 -4.96 -13.45 -4.23
C THR A 72 -3.55 -12.94 -3.95
N VAL A 73 -3.37 -12.30 -2.80
CA VAL A 73 -2.06 -11.80 -2.40
C VAL A 73 -1.62 -12.26 -1.01
N THR A 74 -2.41 -11.96 0.02
CA THR A 74 -1.95 -12.18 1.40
C THR A 74 -2.83 -13.03 2.29
N GLU A 75 -2.38 -14.27 2.51
CA GLU A 75 -2.85 -15.07 3.62
C GLU A 75 -1.64 -15.38 4.50
N ALA A 76 -1.74 -16.35 5.40
CA ALA A 76 -0.66 -16.59 6.35
C ALA A 76 0.72 -16.83 5.73
N ARG A 77 0.78 -17.59 4.67
CA ARG A 77 2.06 -17.92 4.08
C ARG A 77 2.77 -16.67 3.58
N MET A 78 2.03 -15.80 2.90
CA MET A 78 2.58 -14.54 2.43
C MET A 78 2.97 -13.63 3.59
N ALA A 79 2.12 -13.54 4.61
CA ALA A 79 2.43 -12.68 5.75
C ALA A 79 3.72 -13.13 6.46
N ILE A 80 3.89 -14.44 6.60
CA ILE A 80 5.10 -14.97 7.20
C ILE A 80 6.32 -14.62 6.36
N ALA A 81 6.24 -14.85 5.06
CA ALA A 81 7.36 -14.58 4.17
C ALA A 81 7.70 -13.09 4.14
N MET A 82 6.67 -12.24 4.09
CA MET A 82 6.89 -10.79 4.09
C MET A 82 7.62 -10.32 5.35
N ALA A 83 7.17 -10.82 6.50
CA ALA A 83 7.80 -10.45 7.76
C ALA A 83 9.26 -10.94 7.83
N ARG A 84 9.50 -12.16 7.37
CA ARG A 84 10.87 -12.69 7.36
C ARG A 84 11.77 -11.88 6.44
N ALA A 85 11.20 -11.33 5.37
CA ALA A 85 11.95 -10.51 4.42
C ALA A 85 12.18 -9.08 4.93
N GLY A 86 11.57 -8.72 6.05
CA GLY A 86 11.78 -7.41 6.65
C GLY A 86 10.63 -6.46 6.42
N GLY A 87 9.58 -6.92 5.74
CA GLY A 87 8.38 -6.14 5.51
C GLY A 87 7.23 -6.63 6.37
N MET A 88 6.01 -6.55 5.84
CA MET A 88 4.85 -7.06 6.58
C MET A 88 3.73 -7.41 5.61
N GLY A 89 2.90 -8.37 5.99
CA GLY A 89 1.70 -8.65 5.24
C GLY A 89 0.47 -8.10 5.94
N VAL A 90 -0.52 -7.69 5.15
CA VAL A 90 -1.83 -7.34 5.70
C VAL A 90 -2.82 -8.41 5.25
N LEU A 91 -3.26 -9.24 6.20
CA LEU A 91 -4.20 -10.30 5.87
C LEU A 91 -5.53 -9.78 5.36
N HIS A 92 -6.03 -10.37 4.27
CA HIS A 92 -7.28 -9.94 3.70
C HIS A 92 -8.45 -10.32 4.61
N ARG A 93 -9.59 -9.66 4.41
CA ARG A 93 -10.77 -9.86 5.25
C ARG A 93 -11.94 -10.49 4.51
N ASN A 94 -11.68 -11.12 3.39
CA ASN A 94 -12.73 -11.78 2.62
C ASN A 94 -12.93 -13.24 3.04
N LEU A 95 -13.17 -13.41 4.32
CA LEU A 95 -13.29 -14.74 4.91
C LEU A 95 -13.88 -14.55 6.30
N PRO A 96 -14.39 -15.64 6.89
CA PRO A 96 -14.96 -15.52 8.24
C PRO A 96 -13.96 -14.98 9.27
N VAL A 97 -14.49 -14.23 10.25
CA VAL A 97 -13.69 -13.68 11.33
C VAL A 97 -12.79 -14.74 11.98
N ALA A 98 -13.37 -15.89 12.30
CA ALA A 98 -12.61 -16.96 12.95
C ALA A 98 -11.41 -17.43 12.13
N GLU A 99 -11.57 -17.49 10.81
CA GLU A 99 -10.48 -17.94 9.94
C GLU A 99 -9.38 -16.88 9.81
N GLN A 100 -9.77 -15.61 9.78
CA GLN A 100 -8.78 -14.54 9.71
C GLN A 100 -7.95 -14.48 10.99
N ALA A 101 -8.62 -14.61 12.13
CA ALA A 101 -7.93 -14.63 13.41
C ALA A 101 -7.01 -15.84 13.50
N ALA A 102 -7.44 -16.97 12.95
CA ALA A 102 -6.62 -18.17 12.91
C ALA A 102 -5.38 -17.95 12.05
N GLN A 103 -5.51 -17.14 11.01
CA GLN A 103 -4.35 -16.84 10.17
C GLN A 103 -3.33 -15.98 10.92
N VAL A 104 -3.83 -15.05 11.74
CA VAL A 104 -2.97 -14.25 12.61
C VAL A 104 -2.18 -15.13 13.57
N GLU A 105 -2.87 -16.08 14.19
CA GLU A 105 -2.21 -17.00 15.12
C GLU A 105 -1.18 -17.87 14.43
N THR A 106 -1.47 -18.27 13.19
CA THR A 106 -0.52 -19.03 12.40
C THR A 106 0.78 -18.23 12.18
N VAL A 107 0.64 -16.95 11.87
CA VAL A 107 1.80 -16.09 11.68
C VAL A 107 2.61 -15.93 12.97
N LYS A 108 1.92 -15.69 14.08
CA LYS A 108 2.60 -15.47 15.35
C LYS A 108 3.26 -16.74 15.88
N ARG A 109 2.85 -17.89 15.37
CA ARG A 109 3.43 -19.17 15.78
C ARG A 109 4.72 -19.48 15.02
N SER A 110 5.03 -18.63 14.03
CA SER A 110 6.27 -18.77 13.29
C SER A 110 7.37 -17.85 13.83
N GLY A 111 7.21 -17.41 15.08
CA GLY A 111 8.18 -16.54 15.71
C GLY A 111 7.65 -15.14 15.97
N GLY A 112 8.55 -14.23 16.33
CA GLY A 112 8.16 -12.86 16.63
C GLY A 112 8.00 -12.03 15.38
N LEU A 113 7.02 -12.39 14.56
CA LEU A 113 6.81 -11.74 13.27
C LEU A 113 5.65 -10.75 13.33
N LEU A 114 5.89 -9.55 12.81
CA LEU A 114 4.84 -8.54 12.67
C LEU A 114 3.78 -9.02 11.69
N VAL A 115 2.53 -8.68 11.98
CA VAL A 115 1.45 -8.98 11.05
C VAL A 115 0.33 -7.96 11.18
N GLY A 116 -0.29 -7.63 10.05
CA GLY A 116 -1.46 -6.79 10.06
C GLY A 116 -2.66 -7.51 9.50
N ALA A 117 -3.83 -6.91 9.67
CA ALA A 117 -5.05 -7.50 9.16
C ALA A 117 -6.06 -6.41 8.86
N ALA A 118 -6.81 -6.60 7.79
CA ALA A 118 -7.80 -5.64 7.34
C ALA A 118 -9.14 -5.83 8.04
N VAL A 119 -9.81 -4.72 8.32
CA VAL A 119 -11.20 -4.74 8.77
C VAL A 119 -11.97 -3.67 8.00
N GLY A 120 -13.28 -3.88 7.85
CA GLY A 120 -14.11 -2.87 7.20
C GLY A 120 -14.75 -1.93 8.20
N VAL A 121 -15.92 -1.40 7.83
CA VAL A 121 -16.67 -0.53 8.74
C VAL A 121 -18.12 -1.01 8.85
N GLY A 122 -18.40 -2.20 8.32
CA GLY A 122 -19.72 -2.79 8.41
C GLY A 122 -20.07 -3.28 9.81
N ASP A 123 -21.18 -3.98 9.96
CA ASP A 123 -21.56 -4.34 11.34
C ASP A 123 -20.74 -5.40 11.94
N ASP A 124 -20.07 -6.18 11.15
CA ASP A 124 -19.22 -7.22 11.72
C ASP A 124 -17.79 -6.76 11.96
N ALA A 125 -17.50 -5.52 11.55
CA ALA A 125 -16.13 -5.02 11.60
C ALA A 125 -15.56 -4.93 13.01
N TRP A 126 -16.36 -4.45 13.96
CA TRP A 126 -15.88 -4.30 15.33
C TRP A 126 -15.53 -5.63 15.97
N GLU A 127 -16.41 -6.63 15.82
CA GLU A 127 -16.12 -7.97 16.35
C GLU A 127 -14.90 -8.56 15.67
N ARG A 128 -14.76 -8.33 14.36
CA ARG A 128 -13.59 -8.80 13.62
C ARG A 128 -12.32 -8.21 14.22
N ALA A 129 -12.34 -6.89 14.42
CA ALA A 129 -11.20 -6.19 15.03
C ALA A 129 -10.82 -6.76 16.39
N MET A 130 -11.81 -7.05 17.23
CA MET A 130 -11.55 -7.58 18.56
C MET A 130 -11.01 -8.98 18.53
N ALA A 131 -11.49 -9.79 17.62
CA ALA A 131 -10.96 -11.14 17.43
C ALA A 131 -9.51 -11.12 16.96
N LEU A 132 -9.20 -10.14 16.10
CA LEU A 132 -7.83 -9.98 15.62
C LEU A 132 -6.91 -9.50 16.73
N ARG A 133 -7.41 -8.59 17.54
CA ARG A 133 -6.69 -8.17 18.72
C ARG A 133 -6.39 -9.34 19.66
N ASP A 134 -7.39 -10.15 19.88
CA ASP A 134 -7.23 -11.33 20.73
C ASP A 134 -6.22 -12.30 20.17
N ALA A 135 -6.09 -12.35 18.85
CA ALA A 135 -5.16 -13.26 18.19
C ALA A 135 -3.72 -12.73 18.18
N GLY A 136 -3.53 -11.48 18.60
CA GLY A 136 -2.19 -10.92 18.69
C GLY A 136 -1.75 -10.06 17.52
N VAL A 137 -2.71 -9.54 16.75
CA VAL A 137 -2.39 -8.73 15.57
C VAL A 137 -1.62 -7.47 16.00
N ASP A 138 -0.68 -7.02 15.17
CA ASP A 138 0.11 -5.84 15.51
C ASP A 138 -0.49 -4.57 14.92
N VAL A 139 -1.12 -4.71 13.75
CA VAL A 139 -1.63 -3.58 13.00
C VAL A 139 -3.02 -3.89 12.50
N LEU A 140 -3.96 -2.98 12.77
CA LEU A 140 -5.27 -3.08 12.16
C LEU A 140 -5.37 -2.07 11.04
N VAL A 141 -5.80 -2.53 9.87
CA VAL A 141 -5.97 -1.64 8.73
C VAL A 141 -7.45 -1.45 8.46
N VAL A 142 -7.96 -0.27 8.74
CA VAL A 142 -9.33 0.07 8.36
C VAL A 142 -9.32 0.28 6.85
N ASP A 143 -9.93 -0.68 6.15
CA ASP A 143 -9.66 -0.99 4.75
C ASP A 143 -10.87 -0.61 3.89
N THR A 144 -10.87 0.62 3.38
CA THR A 144 -11.97 1.09 2.54
C THR A 144 -11.47 1.74 1.27
N ALA A 145 -12.37 1.94 0.32
CA ALA A 145 -12.01 2.60 -0.92
C ALA A 145 -12.02 4.11 -0.78
N HIS A 146 -12.59 4.61 0.31
CA HIS A 146 -12.76 6.05 0.46
C HIS A 146 -12.95 6.40 1.94
N ALA A 147 -11.85 6.81 2.57
CA ALA A 147 -11.85 6.98 4.01
C ALA A 147 -12.40 8.31 4.48
N HIS A 148 -12.64 9.24 3.55
CA HIS A 148 -13.17 10.55 3.95
C HIS A 148 -14.67 10.51 4.19
N ASN A 149 -15.03 9.90 5.31
CA ASN A 149 -16.40 9.50 5.61
C ASN A 149 -16.48 9.29 7.11
N ARG A 150 -17.57 9.77 7.72
CA ARG A 150 -17.70 9.76 9.17
C ARG A 150 -17.62 8.36 9.76
N LYS A 151 -18.20 7.37 9.08
CA LYS A 151 -18.16 6.00 9.58
C LYS A 151 -16.73 5.46 9.65
N VAL A 152 -15.92 5.80 8.64
CA VAL A 152 -14.54 5.34 8.62
C VAL A 152 -13.68 6.07 9.67
N LEU A 153 -13.85 7.38 9.77
CA LEU A 153 -13.13 8.18 10.74
C LEU A 153 -13.50 7.74 12.17
N ASP A 154 -14.78 7.46 12.38
CA ASP A 154 -15.22 6.98 13.69
C ASP A 154 -14.61 5.63 14.05
N MET A 155 -14.51 4.74 13.08
CA MET A 155 -13.92 3.42 13.32
C MET A 155 -12.45 3.55 13.70
N VAL A 156 -11.72 4.38 12.94
CA VAL A 156 -10.32 4.63 13.24
C VAL A 156 -10.16 5.16 14.66
N HIS A 157 -10.95 6.18 14.99
CA HIS A 157 -10.92 6.79 16.32
C HIS A 157 -11.28 5.80 17.43
N ARG A 158 -12.34 5.04 17.27
CA ARG A 158 -12.74 4.10 18.29
C ARG A 158 -11.69 3.04 18.51
N LEU A 159 -11.11 2.54 17.44
CA LEU A 159 -10.01 1.58 17.58
C LEU A 159 -8.82 2.18 18.33
N LYS A 160 -8.42 3.39 17.94
CA LYS A 160 -7.28 4.03 18.56
C LYS A 160 -7.52 4.28 20.06
N THR A 161 -8.74 4.65 20.42
CA THR A 161 -9.04 4.93 21.82
C THR A 161 -9.21 3.65 22.64
N THR A 162 -9.53 2.54 21.99
CA THR A 162 -9.85 1.29 22.68
C THR A 162 -8.66 0.33 22.76
N VAL A 163 -7.96 0.14 21.65
CA VAL A 163 -6.85 -0.81 21.60
C VAL A 163 -5.54 -0.15 21.17
N GLY A 164 -5.52 1.17 21.13
CA GLY A 164 -4.41 1.92 20.57
C GLY A 164 -3.08 1.82 21.28
N ASP A 165 -3.07 1.42 22.52
CA ASP A 165 -1.81 1.29 23.19
C ASP A 165 -1.06 0.03 22.75
N GLU A 166 -1.78 -0.97 22.29
CA GLU A 166 -1.18 -2.25 21.92
C GLU A 166 -1.19 -2.50 20.42
N ILE A 167 -2.02 -1.76 19.69
CA ILE A 167 -2.18 -1.97 18.26
C ILE A 167 -2.10 -0.65 17.52
N GLU A 168 -1.35 -0.64 16.43
CA GLU A 168 -1.28 0.52 15.55
C GLU A 168 -2.43 0.48 14.55
N VAL A 169 -3.06 1.63 14.32
CA VAL A 169 -4.25 1.70 13.49
C VAL A 169 -4.00 2.50 12.22
N VAL A 170 -4.17 1.83 11.07
CA VAL A 170 -3.98 2.46 9.76
C VAL A 170 -5.36 2.75 9.21
N GLY A 171 -5.53 3.92 8.58
CA GLY A 171 -6.76 4.22 7.89
C GLY A 171 -6.51 4.53 6.43
N GLY A 172 -7.47 4.17 5.58
CA GLY A 172 -7.34 4.44 4.15
C GLY A 172 -8.59 3.97 3.44
N ASN A 173 -8.70 4.24 2.14
CA ASN A 173 -7.68 4.96 1.39
C ASN A 173 -8.12 6.39 1.10
N VAL A 174 -7.14 7.25 0.91
CA VAL A 174 -7.38 8.65 0.53
C VAL A 174 -6.57 9.05 -0.68
N ALA A 175 -6.96 10.17 -1.28
CA ALA A 175 -6.24 10.65 -2.46
C ALA A 175 -6.13 12.16 -2.42
N THR A 176 -6.56 12.78 -1.33
CA THR A 176 -6.53 14.24 -1.22
C THR A 176 -5.94 14.67 0.12
N ARG A 177 -5.46 15.91 0.16
CA ARG A 177 -4.91 16.48 1.38
C ARG A 177 -5.95 16.54 2.49
N ALA A 178 -7.16 16.98 2.16
CA ALA A 178 -8.20 17.12 3.17
C ALA A 178 -8.59 15.77 3.79
N ALA A 179 -8.64 14.72 2.96
CA ALA A 179 -9.01 13.41 3.48
C ALA A 179 -7.91 12.86 4.40
N ALA A 180 -6.67 13.06 3.99
CA ALA A 180 -5.52 12.67 4.80
C ALA A 180 -5.56 13.42 6.13
N ALA A 181 -5.83 14.72 6.09
CA ALA A 181 -5.93 15.51 7.31
C ALA A 181 -7.02 15.00 8.25
N ALA A 182 -8.15 14.58 7.69
CA ALA A 182 -9.24 14.04 8.49
C ALA A 182 -8.82 12.76 9.22
N LEU A 183 -8.14 11.86 8.53
CA LEU A 183 -7.62 10.64 9.18
C LEU A 183 -6.62 10.96 10.28
N VAL A 184 -5.76 11.94 10.03
CA VAL A 184 -4.79 12.36 11.04
C VAL A 184 -5.54 12.81 12.30
N GLU A 185 -6.53 13.66 12.10
CA GLU A 185 -7.32 14.19 13.22
C GLU A 185 -8.05 13.08 13.98
N ALA A 186 -8.49 12.06 13.25
CA ALA A 186 -9.19 10.93 13.86
C ALA A 186 -8.28 10.02 14.69
N GLY A 187 -6.96 10.20 14.56
CA GLY A 187 -6.01 9.43 15.34
C GLY A 187 -5.25 8.33 14.58
N ALA A 188 -5.31 8.34 13.25
CA ALA A 188 -4.60 7.33 12.48
C ALA A 188 -3.09 7.30 12.77
N ASP A 189 -2.54 6.09 12.87
CA ASP A 189 -1.10 5.91 13.04
C ASP A 189 -0.36 5.85 11.71
N ALA A 190 -1.12 5.67 10.62
CA ALA A 190 -0.61 5.80 9.26
C ALA A 190 -1.80 6.05 8.36
N VAL A 191 -1.54 6.68 7.22
CA VAL A 191 -2.58 6.99 6.25
C VAL A 191 -2.23 6.32 4.93
N LYS A 192 -3.18 5.56 4.39
CA LYS A 192 -2.92 4.82 3.16
C LYS A 192 -3.52 5.54 1.97
N VAL A 193 -2.71 5.74 0.94
CA VAL A 193 -3.05 6.59 -0.18
C VAL A 193 -3.21 5.78 -1.45
N GLY A 194 -4.35 5.98 -2.11
CA GLY A 194 -4.60 5.35 -3.40
C GLY A 194 -6.09 5.20 -3.64
N VAL A 195 -6.65 6.08 -4.45
CA VAL A 195 -8.03 5.91 -4.91
C VAL A 195 -7.98 5.87 -6.43
N GLY A 196 -8.26 4.68 -6.96
CA GLY A 196 -8.18 4.44 -8.39
C GLY A 196 -6.92 3.89 -9.07
N PRO A 197 -5.75 3.83 -8.41
CA PRO A 197 -4.56 3.52 -9.21
C PRO A 197 -4.22 2.05 -9.37
N GLY A 198 -4.91 1.17 -8.67
CA GLY A 198 -4.54 -0.25 -8.68
C GLY A 198 -4.56 -0.88 -10.08
N SER A 199 -3.64 -1.79 -10.33
CA SER A 199 -3.55 -2.46 -11.63
C SER A 199 -4.85 -3.13 -12.05
N ILE A 200 -5.59 -3.65 -11.07
CA ILE A 200 -6.85 -4.36 -11.34
C ILE A 200 -8.08 -3.49 -11.08
N CYS A 201 -7.84 -2.20 -10.88
CA CYS A 201 -8.89 -1.25 -10.55
CA CYS A 201 -8.90 -1.26 -10.55
C CYS A 201 -9.65 -0.77 -11.78
N THR A 202 -10.97 -0.70 -11.67
CA THR A 202 -11.78 -0.11 -12.74
C THR A 202 -12.58 1.09 -12.26
N THR A 203 -12.35 1.54 -11.04
CA THR A 203 -13.00 2.73 -10.50
C THR A 203 -12.87 3.93 -11.42
N ARG A 204 -11.72 4.10 -12.05
CA ARG A 204 -11.51 5.22 -12.95
C ARG A 204 -12.46 5.19 -14.13
N VAL A 205 -12.76 4.00 -14.64
CA VAL A 205 -13.67 3.91 -15.79
C VAL A 205 -15.14 3.73 -15.38
N VAL A 206 -15.39 3.01 -14.29
CA VAL A 206 -16.76 2.78 -13.83
C VAL A 206 -17.37 4.01 -13.19
N ALA A 207 -16.62 4.65 -12.30
CA ALA A 207 -17.12 5.82 -11.58
C ALA A 207 -16.55 7.11 -12.14
N GLY A 208 -15.47 7.03 -12.90
CA GLY A 208 -14.83 8.24 -13.41
C GLY A 208 -14.04 8.98 -12.34
N VAL A 209 -13.70 8.27 -11.27
CA VAL A 209 -13.08 8.84 -10.08
C VAL A 209 -11.66 8.32 -9.93
N GLY A 210 -10.76 9.21 -9.54
CA GLY A 210 -9.42 8.76 -9.20
C GLY A 210 -8.50 9.94 -9.02
N ALA A 211 -7.26 9.62 -8.68
CA ALA A 211 -6.23 10.61 -8.51
C ALA A 211 -4.88 9.98 -8.83
N PRO A 212 -4.18 10.51 -9.83
CA PRO A 212 -2.84 10.01 -10.14
C PRO A 212 -1.94 9.99 -8.91
N GLN A 213 -1.17 8.92 -8.77
CA GLN A 213 -0.58 8.59 -7.48
C GLN A 213 0.56 9.48 -6.99
N ILE A 214 1.38 10.01 -7.88
CA ILE A 214 2.45 10.88 -7.39
C ILE A 214 1.83 12.13 -6.76
N THR A 215 0.86 12.73 -7.45
CA THR A 215 0.19 13.90 -6.90
C THR A 215 -0.60 13.57 -5.63
N ALA A 216 -1.24 12.41 -5.61
CA ALA A 216 -1.98 12.00 -4.42
C ALA A 216 -1.04 11.87 -3.23
N ILE A 217 0.13 11.27 -3.43
CA ILE A 217 1.08 11.12 -2.35
C ILE A 217 1.60 12.49 -1.90
N LEU A 218 1.97 13.37 -2.85
CA LEU A 218 2.45 14.70 -2.48
C LEU A 218 1.43 15.45 -1.64
N GLU A 219 0.16 15.34 -2.01
CA GLU A 219 -0.91 16.00 -1.27
C GLU A 219 -1.12 15.37 0.11
N ALA A 220 -1.16 14.05 0.17
CA ALA A 220 -1.39 13.39 1.45
C ALA A 220 -0.25 13.67 2.41
N VAL A 221 0.97 13.63 1.88
CA VAL A 221 2.16 13.90 2.68
C VAL A 221 2.13 15.31 3.25
N ALA A 222 1.64 16.28 2.49
CA ALA A 222 1.52 17.65 2.95
C ALA A 222 0.64 17.74 4.21
N ALA A 223 -0.33 16.84 4.35
CA ALA A 223 -1.19 16.80 5.54
C ALA A 223 -0.62 15.91 6.66
N CYS A 224 0.11 14.86 6.30
CA CYS A 224 0.53 13.85 7.26
C CYS A 224 1.89 14.08 7.88
N ALA A 225 2.86 14.47 7.06
CA ALA A 225 4.22 14.68 7.54
C ALA A 225 4.31 15.73 8.66
N PRO A 226 3.58 16.85 8.55
CA PRO A 226 3.71 17.80 9.66
C PRO A 226 3.17 17.28 10.99
N HIS A 227 2.41 16.19 10.96
CA HIS A 227 1.91 15.58 12.19
C HIS A 227 2.63 14.28 12.53
N GLY A 228 3.70 13.98 11.80
CA GLY A 228 4.50 12.80 12.08
C GLY A 228 3.79 11.49 11.77
N VAL A 229 2.85 11.54 10.82
CA VAL A 229 2.08 10.37 10.45
C VAL A 229 2.58 9.83 9.11
N PRO A 230 3.07 8.59 9.09
CA PRO A 230 3.58 8.05 7.82
C PRO A 230 2.48 7.75 6.81
N VAL A 231 2.87 7.86 5.54
CA VAL A 231 1.97 7.59 4.43
C VAL A 231 2.38 6.28 3.75
N ILE A 232 1.40 5.41 3.53
CA ILE A 232 1.61 4.17 2.80
C ILE A 232 1.07 4.38 1.39
N ALA A 233 1.94 4.27 0.39
CA ALA A 233 1.54 4.39 -1.02
C ALA A 233 0.98 3.06 -1.51
N ASP A 234 -0.31 3.03 -1.84
CA ASP A 234 -1.00 1.79 -2.12
C ASP A 234 -1.64 1.78 -3.50
N GLY A 235 -1.02 1.03 -4.41
CA GLY A 235 -1.61 0.83 -5.72
C GLY A 235 -0.87 1.54 -6.83
N GLY A 236 -0.77 0.87 -7.98
CA GLY A 236 -0.22 1.49 -9.17
C GLY A 236 1.26 1.28 -9.34
N LEU A 237 1.91 0.62 -8.38
CA LEU A 237 3.35 0.38 -8.50
C LEU A 237 3.57 -0.83 -9.40
N GLN A 238 4.30 -0.62 -10.50
CA GLN A 238 4.47 -1.70 -11.47
C GLN A 238 5.91 -2.15 -11.63
N TYR A 239 6.85 -1.33 -11.14
CA TYR A 239 8.27 -1.60 -11.27
C TYR A 239 8.96 -1.26 -9.96
N SER A 240 10.14 -1.83 -9.73
CA SER A 240 10.89 -1.51 -8.53
C SER A 240 11.16 -0.01 -8.43
N GLY A 241 11.34 0.64 -9.58
CA GLY A 241 11.61 2.07 -9.60
C GLY A 241 10.45 2.89 -9.07
N ASP A 242 9.24 2.35 -9.18
CA ASP A 242 8.08 3.05 -8.65
C ASP A 242 8.09 3.12 -7.13
N ILE A 243 8.72 2.15 -6.49
CA ILE A 243 8.85 2.18 -5.03
C ILE A 243 9.69 3.38 -4.65
N ALA A 244 10.81 3.56 -5.34
CA ALA A 244 11.67 4.70 -5.07
C ALA A 244 10.94 6.00 -5.34
N LYS A 245 10.16 6.05 -6.41
CA LYS A 245 9.42 7.27 -6.72
C LYS A 245 8.38 7.57 -5.64
N ALA A 246 7.68 6.53 -5.18
CA ALA A 246 6.64 6.72 -4.16
C ALA A 246 7.24 7.27 -2.87
N LEU A 247 8.38 6.71 -2.48
CA LEU A 247 9.04 7.16 -1.26
C LEU A 247 9.61 8.56 -1.41
N ALA A 248 10.17 8.86 -2.58
CA ALA A 248 10.69 10.19 -2.82
C ALA A 248 9.61 11.25 -2.82
N ALA A 249 8.40 10.88 -3.24
CA ALA A 249 7.24 11.78 -3.18
C ALA A 249 6.80 12.01 -1.73
N GLY A 250 7.31 11.18 -0.83
CA GLY A 250 7.13 11.42 0.58
C GLY A 250 6.48 10.29 1.33
N ALA A 251 6.07 9.22 0.64
CA ALA A 251 5.55 8.05 1.34
C ALA A 251 6.64 7.43 2.19
N SER A 252 6.24 6.68 3.21
CA SER A 252 7.18 5.98 4.08
C SER A 252 7.27 4.49 3.76
N THR A 253 6.20 3.92 3.20
CA THR A 253 6.20 2.53 2.75
C THR A 253 5.33 2.45 1.52
N ALA A 254 5.45 1.33 0.81
CA ALA A 254 4.60 1.02 -0.33
C ALA A 254 3.87 -0.29 -0.11
N MET A 255 2.59 -0.32 -0.47
CA MET A 255 1.80 -1.54 -0.48
C MET A 255 1.67 -2.09 -1.90
N LEU A 256 1.96 -3.37 -2.05
CA LEU A 256 2.05 -4.02 -3.35
C LEU A 256 1.07 -5.15 -3.51
N GLY A 257 0.33 -5.13 -4.60
CA GLY A 257 -0.57 -6.20 -4.95
C GLY A 257 -0.03 -6.97 -6.14
N SER A 258 -0.14 -6.38 -7.33
CA SER A 258 0.29 -7.02 -8.57
CA SER A 258 0.28 -7.06 -8.56
C SER A 258 1.72 -7.56 -8.52
N LEU A 259 2.63 -6.78 -7.95
CA LEU A 259 4.05 -7.17 -7.93
C LEU A 259 4.31 -8.40 -7.07
N LEU A 260 3.39 -8.73 -6.18
CA LEU A 260 3.58 -9.88 -5.26
C LEU A 260 2.63 -11.03 -5.56
N ALA A 261 1.60 -10.76 -6.37
CA ALA A 261 0.58 -11.76 -6.67
C ALA A 261 1.09 -12.96 -7.47
N GLY A 262 2.20 -12.77 -8.20
CA GLY A 262 2.74 -13.87 -8.97
C GLY A 262 3.70 -14.77 -8.21
N THR A 263 3.83 -14.58 -6.90
CA THR A 263 4.85 -15.30 -6.14
C THR A 263 4.32 -16.61 -5.59
N ALA A 264 5.25 -17.50 -5.26
CA ALA A 264 4.88 -18.81 -4.73
C ALA A 264 4.00 -18.70 -3.50
N GLU A 265 4.28 -17.70 -2.67
CA GLU A 265 3.62 -17.56 -1.37
C GLU A 265 2.22 -16.97 -1.41
N SER A 266 1.83 -16.41 -2.55
CA SER A 266 0.47 -15.87 -2.67
C SER A 266 -0.53 -17.02 -2.75
N PRO A 267 -1.78 -16.77 -2.35
CA PRO A 267 -2.79 -17.84 -2.49
C PRO A 267 -3.04 -18.16 -3.95
N GLY A 268 -3.55 -19.36 -4.23
CA GLY A 268 -3.97 -19.68 -5.57
C GLY A 268 -3.04 -20.60 -6.32
N GLU A 269 -3.51 -21.25 -7.35
CA GLU A 269 -2.66 -22.18 -8.03
C GLU A 269 -1.99 -21.57 -9.23
N LEU A 270 -1.08 -22.37 -9.73
CA LEU A 270 -0.36 -22.03 -10.94
C LEU A 270 -1.27 -22.28 -12.13
N ILE A 271 -1.29 -21.36 -13.08
CA ILE A 271 -2.11 -21.50 -14.29
C ILE A 271 -1.22 -21.51 -15.52
N LEU A 272 -1.49 -22.44 -16.44
CA LEU A 272 -0.70 -22.54 -17.66
C LEU A 272 -1.53 -22.11 -18.86
N VAL A 273 -1.16 -21.00 -19.48
CA VAL A 273 -1.79 -20.59 -20.73
C VAL A 273 -0.74 -20.25 -21.79
N ASN A 274 -0.96 -20.78 -23.00
CA ASN A 274 -0.04 -20.57 -24.11
C ASN A 274 1.43 -20.87 -23.78
N GLY A 275 1.66 -21.91 -22.97
CA GLY A 275 3.01 -22.33 -22.64
C GLY A 275 3.69 -21.49 -21.57
N LYS A 276 2.96 -20.54 -20.99
CA LYS A 276 3.53 -19.67 -19.97
C LYS A 276 2.79 -19.81 -18.63
N GLN A 277 3.52 -19.60 -17.53
CA GLN A 277 2.95 -19.76 -16.19
C GLN A 277 2.44 -18.44 -15.62
N PHE A 278 1.24 -18.50 -15.05
CA PHE A 278 0.62 -17.33 -14.43
C PHE A 278 -0.03 -17.71 -13.10
N LYS A 279 -0.45 -16.70 -12.35
CA LYS A 279 -1.35 -16.92 -11.22
C LYS A 279 -2.50 -15.93 -11.35
N SER A 280 -3.65 -16.31 -10.80
CA SER A 280 -4.80 -15.43 -10.82
C SER A 280 -4.57 -14.27 -9.87
N TYR A 281 -4.99 -13.09 -10.29
CA TYR A 281 -4.90 -11.91 -9.47
C TYR A 281 -6.18 -11.12 -9.72
N ARG A 282 -6.93 -10.84 -8.67
CA ARG A 282 -8.24 -10.24 -8.86
C ARG A 282 -8.49 -9.13 -7.86
N GLY A 283 -9.20 -8.10 -8.29
CA GLY A 283 -9.59 -7.05 -7.37
C GLY A 283 -10.56 -7.53 -6.32
N MET A 284 -10.52 -6.92 -5.14
CA MET A 284 -11.49 -7.25 -4.11
C MET A 284 -12.88 -6.68 -4.45
N GLY A 285 -12.91 -5.83 -5.47
CA GLY A 285 -14.16 -5.30 -5.99
C GLY A 285 -14.60 -5.98 -7.28
N SER A 286 -13.93 -7.07 -7.65
CA SER A 286 -14.33 -7.84 -8.82
C SER A 286 -15.55 -8.70 -8.51
N LEU A 287 -16.19 -9.17 -9.54
CA LEU A 287 -17.37 -10.00 -9.39
C LEU A 287 -17.07 -11.23 -8.57
N GLY A 288 -15.99 -11.89 -8.89
CA GLY A 288 -15.60 -13.12 -8.21
C GLY A 288 -15.32 -12.95 -6.74
N ALA A 289 -14.67 -11.84 -6.39
CA ALA A 289 -14.33 -11.57 -4.98
C ALA A 289 -15.56 -11.21 -4.18
N MET A 290 -16.49 -10.48 -4.79
CA MET A 290 -17.71 -10.08 -4.11
C MET A 290 -18.67 -11.27 -3.98
N GLN A 291 -18.54 -12.23 -4.88
CA GLN A 291 -19.37 -13.43 -4.85
C GLN A 291 -18.73 -14.52 -4.00
N LEU A 315 -24.91 -6.10 -8.86
CA LEU A 315 -23.58 -5.69 -8.42
C LEU A 315 -22.90 -4.79 -9.44
N VAL A 316 -22.16 -3.80 -8.95
CA VAL A 316 -21.40 -2.91 -9.81
C VAL A 316 -19.91 -3.02 -9.46
N PRO A 317 -19.20 -3.93 -10.16
CA PRO A 317 -17.79 -4.17 -9.84
C PRO A 317 -16.88 -2.99 -10.17
N GLU A 318 -15.86 -2.83 -9.35
CA GLU A 318 -14.85 -1.80 -9.55
C GLU A 318 -13.47 -2.42 -9.59
N GLY A 319 -13.41 -3.71 -9.91
CA GLY A 319 -12.15 -4.39 -10.14
C GLY A 319 -12.35 -5.51 -11.14
N ILE A 320 -11.26 -5.99 -11.72
CA ILE A 320 -11.30 -7.11 -12.66
C ILE A 320 -10.64 -8.35 -12.09
N GLU A 321 -10.89 -9.47 -12.75
CA GLU A 321 -10.19 -10.71 -12.44
C GLU A 321 -9.21 -10.95 -13.56
N GLY A 322 -7.93 -10.98 -13.23
CA GLY A 322 -6.91 -11.14 -14.25
C GLY A 322 -5.86 -12.16 -13.85
N ARG A 323 -4.71 -12.07 -14.51
CA ARG A 323 -3.59 -12.91 -14.14
C ARG A 323 -2.27 -12.15 -14.26
N VAL A 324 -1.28 -12.61 -13.51
CA VAL A 324 0.04 -12.01 -13.56
C VAL A 324 1.02 -13.14 -13.81
N PRO A 325 2.16 -12.84 -14.44
CA PRO A 325 3.17 -13.87 -14.66
C PRO A 325 3.65 -14.47 -13.33
N PHE A 326 3.89 -15.77 -13.32
CA PHE A 326 4.43 -16.41 -12.14
C PHE A 326 5.87 -15.95 -11.95
N ARG A 327 6.20 -15.56 -10.72
CA ARG A 327 7.47 -14.90 -10.43
C ARG A 327 8.44 -15.68 -9.56
N GLY A 328 8.03 -16.83 -9.03
CA GLY A 328 8.90 -17.61 -8.17
C GLY A 328 8.77 -17.22 -6.71
N PRO A 329 9.78 -17.54 -5.89
CA PRO A 329 9.69 -17.25 -4.45
C PRO A 329 9.60 -15.77 -4.13
N LEU A 330 8.84 -15.44 -3.08
CA LEU A 330 8.71 -14.07 -2.62
C LEU A 330 10.06 -13.47 -2.29
N SER A 331 10.86 -14.20 -1.52
CA SER A 331 12.16 -13.71 -1.06
C SER A 331 12.98 -13.15 -2.21
N THR A 332 12.93 -13.83 -3.36
CA THR A 332 13.64 -13.41 -4.56
C THR A 332 13.06 -12.14 -5.20
N VAL A 333 11.74 -12.05 -5.28
CA VAL A 333 11.07 -10.85 -5.78
C VAL A 333 11.40 -9.64 -4.89
N ILE A 334 11.34 -9.83 -3.58
CA ILE A 334 11.68 -8.75 -2.66
C ILE A 334 13.14 -8.33 -2.85
N HIS A 335 14.01 -9.31 -3.10
CA HIS A 335 15.42 -8.97 -3.33
C HIS A 335 15.58 -8.03 -4.50
N GLN A 336 14.89 -8.30 -5.59
CA GLN A 336 14.98 -7.46 -6.77
C GLN A 336 14.35 -6.08 -6.55
N LEU A 337 13.21 -6.06 -5.87
CA LEU A 337 12.53 -4.78 -5.57
C LEU A 337 13.40 -3.92 -4.69
N VAL A 338 13.92 -4.50 -3.61
CA VAL A 338 14.79 -3.75 -2.70
C VAL A 338 16.08 -3.37 -3.41
N GLY A 339 16.54 -4.22 -4.32
CA GLY A 339 17.74 -3.92 -5.10
C GLY A 339 17.58 -2.66 -5.93
N GLY A 340 16.41 -2.50 -6.52
CA GLY A 340 16.12 -1.31 -7.30
C GLY A 340 16.04 -0.07 -6.41
N LEU A 341 15.39 -0.22 -5.27
CA LEU A 341 15.33 0.85 -4.28
C LEU A 341 16.74 1.27 -3.84
N ARG A 342 17.58 0.29 -3.54
CA ARG A 342 18.96 0.58 -3.14
C ARG A 342 19.73 1.33 -4.23
N ALA A 343 19.52 0.93 -5.48
CA ALA A 343 20.13 1.63 -6.60
C ALA A 343 19.70 3.09 -6.63
N ALA A 344 18.40 3.35 -6.46
CA ALA A 344 17.88 4.71 -6.41
C ALA A 344 18.50 5.50 -5.26
N MET A 345 18.67 4.85 -4.12
CA MET A 345 19.28 5.54 -2.98
C MET A 345 20.74 5.90 -3.29
N GLY A 346 21.45 5.02 -4.00
CA GLY A 346 22.79 5.37 -4.45
C GLY A 346 22.81 6.56 -5.38
N TYR A 347 21.93 6.56 -6.37
CA TYR A 347 21.93 7.63 -7.38
C TYR A 347 21.55 8.97 -6.77
N THR A 348 20.68 8.95 -5.77
CA THR A 348 20.16 10.19 -5.20
C THR A 348 20.92 10.65 -3.95
N GLY A 349 21.93 9.88 -3.53
CA GLY A 349 22.68 10.22 -2.33
C GLY A 349 21.86 10.10 -1.07
N SER A 350 20.94 9.15 -1.05
CA SER A 350 20.06 8.97 0.09
C SER A 350 20.55 7.83 0.98
N ALA A 351 21.03 8.16 2.18
CA ALA A 351 21.58 7.15 3.08
C ALA A 351 20.46 6.39 3.79
N THR A 352 19.31 7.05 3.88
CA THR A 352 18.16 6.53 4.62
C THR A 352 16.91 6.85 3.83
N ILE A 353 15.80 6.22 4.19
CA ILE A 353 14.53 6.52 3.54
C ILE A 353 14.10 7.95 3.82
N GLU A 354 14.40 8.47 5.01
CA GLU A 354 14.09 9.85 5.33
C GLU A 354 14.81 10.83 4.40
N GLU A 355 16.03 10.48 4.01
CA GLU A 355 16.73 11.31 3.02
C GLU A 355 16.13 11.17 1.62
N LEU A 356 15.75 9.94 1.25
CA LEU A 356 15.11 9.72 -0.05
C LEU A 356 13.83 10.53 -0.20
N GLN A 357 13.12 10.74 0.89
CA GLN A 357 11.90 11.55 0.89
C GLN A 357 12.15 13.02 0.51
N GLN A 358 13.42 13.42 0.49
CA GLN A 358 13.75 14.79 0.10
C GLN A 358 14.32 14.89 -1.32
N ALA A 359 14.35 13.77 -2.05
CA ALA A 359 14.88 13.78 -3.40
C ALA A 359 13.98 14.55 -4.35
N GLN A 360 14.52 14.93 -5.50
CA GLN A 360 13.79 15.71 -6.48
C GLN A 360 13.49 14.92 -7.75
N PHE A 361 12.43 15.34 -8.42
CA PHE A 361 11.98 14.73 -9.67
C PHE A 361 12.22 15.64 -10.87
N VAL A 362 12.30 15.02 -12.05
CA VAL A 362 12.09 15.71 -13.33
C VAL A 362 10.81 15.13 -13.94
N GLN A 363 9.96 15.99 -14.47
CA GLN A 363 8.76 15.53 -15.14
C GLN A 363 9.14 15.19 -16.57
N ILE A 364 8.62 14.09 -17.09
CA ILE A 364 8.94 13.69 -18.45
C ILE A 364 7.74 13.75 -19.38
N THR A 365 8.01 13.71 -20.67
CA THR A 365 6.95 13.71 -21.69
C THR A 365 6.58 12.30 -22.12
N ALA A 366 5.53 12.20 -22.93
CA ALA A 366 5.10 10.91 -23.46
C ALA A 366 6.20 10.29 -24.31
N ALA A 367 6.99 11.13 -24.96
CA ALA A 367 8.08 10.65 -25.81
C ALA A 367 9.12 9.95 -24.96
N GLY A 368 9.48 10.58 -23.85
CA GLY A 368 10.45 10.01 -22.94
C GLY A 368 9.83 8.88 -22.16
N LEU A 369 10.60 7.82 -21.90
CA LEU A 369 10.14 6.70 -21.03
C LEU A 369 11.20 6.01 -20.14
#